data_8WGJ
#
_entry.id   8WGJ
#
_entity_poly.entity_id   1
_entity_poly.type   'polypeptide(L)'
_entity_poly.pdbx_seq_one_letter_code
;GCCPPCARSPNNECSEWLLLWCYC
;
_entity_poly.pdbx_strand_id   A
#
# COMPACT_ATOMS: atom_id res chain seq x y z
N GLY A 1 -0.82 10.43 -5.48
CA GLY A 1 -1.48 9.60 -6.53
C GLY A 1 -1.51 8.14 -6.15
N CYS A 2 -1.20 7.28 -7.11
CA CYS A 2 -1.18 5.84 -6.85
C CYS A 2 0.15 5.42 -6.24
N CYS A 3 0.11 5.18 -4.93
CA CYS A 3 1.22 4.56 -4.20
C CYS A 3 1.94 3.47 -5.00
N PRO A 4 3.26 3.31 -4.80
CA PRO A 4 4.02 2.20 -5.35
C PRO A 4 3.48 0.87 -4.83
N PRO A 5 3.70 -0.24 -5.57
CA PRO A 5 3.21 -1.57 -5.19
C PRO A 5 3.73 -2.00 -3.82
N CYS A 6 2.95 -1.71 -2.81
CA CYS A 6 3.34 -1.96 -1.43
C CYS A 6 2.50 -3.07 -0.85
N ALA A 7 1.21 -3.08 -1.20
CA ALA A 7 0.25 -4.03 -0.64
C ALA A 7 0.47 -5.44 -1.18
N ARG A 8 1.28 -5.56 -2.22
CA ARG A 8 1.57 -6.86 -2.80
C ARG A 8 2.69 -7.57 -2.04
N SER A 9 3.20 -6.92 -1.01
CA SER A 9 4.27 -7.48 -0.22
C SER A 9 3.74 -7.99 1.13
N PRO A 10 3.59 -9.32 1.27
CA PRO A 10 3.09 -9.95 2.51
C PRO A 10 3.96 -9.67 3.72
N ASN A 11 5.24 -9.40 3.48
CA ASN A 11 6.18 -9.09 4.55
C ASN A 11 6.04 -7.63 4.98
N ASN A 12 5.38 -6.85 4.13
CA ASN A 12 5.22 -5.42 4.37
C ASN A 12 3.74 -5.09 4.56
N GLU A 13 3.29 -5.27 5.79
CA GLU A 13 1.90 -5.01 6.21
C GLU A 13 1.43 -3.58 5.95
N CYS A 14 2.24 -2.79 5.24
CA CYS A 14 1.95 -1.38 4.93
C CYS A 14 0.53 -1.16 4.42
N SER A 15 -0.11 -2.23 3.95
CA SER A 15 -1.46 -2.15 3.41
C SER A 15 -2.44 -1.53 4.42
N GLU A 16 -2.08 -1.52 5.69
CA GLU A 16 -2.91 -0.91 6.72
C GLU A 16 -3.03 0.60 6.49
N TRP A 17 -1.89 1.28 6.46
CA TRP A 17 -1.88 2.73 6.30
C TRP A 17 -1.83 3.14 4.83
N LEU A 18 -1.49 2.19 3.97
CA LEU A 18 -1.31 2.47 2.54
C LEU A 18 -2.56 3.06 1.91
N LEU A 19 -3.69 2.87 2.56
CA LEU A 19 -4.97 3.35 2.05
C LEU A 19 -5.02 4.87 1.96
N LEU A 20 -4.14 5.53 2.70
CA LEU A 20 -4.06 6.99 2.65
C LEU A 20 -3.19 7.42 1.48
N TRP A 21 -2.33 6.52 1.04
CA TRP A 21 -1.41 6.80 -0.06
C TRP A 21 -2.05 6.53 -1.40
N CYS A 22 -3.08 5.71 -1.41
CA CYS A 22 -3.62 5.23 -2.65
C CYS A 22 -4.87 4.43 -2.42
N TYR A 23 -5.65 4.31 -3.47
CA TYR A 23 -6.89 3.56 -3.44
C TYR A 23 -7.22 3.14 -4.87
N CYS A 24 -6.63 3.85 -5.82
CA CYS A 24 -6.68 3.49 -7.23
C CYS A 24 -6.08 2.10 -7.44
N GLY A 1 -4.33 9.91 -4.53
CA GLY A 1 -3.24 9.43 -5.41
C GLY A 1 -3.03 7.94 -5.27
N CYS A 2 -2.03 7.42 -5.97
CA CYS A 2 -1.71 6.00 -5.94
C CYS A 2 -0.21 5.79 -5.82
N CYS A 3 0.28 5.63 -4.59
CA CYS A 3 1.68 5.31 -4.33
C CYS A 3 2.03 3.96 -4.99
N PRO A 4 3.33 3.64 -5.14
CA PRO A 4 3.77 2.35 -5.70
C PRO A 4 3.12 1.15 -4.99
N PRO A 5 2.91 0.04 -5.72
CA PRO A 5 2.28 -1.17 -5.17
C PRO A 5 3.09 -1.76 -4.02
N CYS A 6 2.66 -1.44 -2.81
CA CYS A 6 3.38 -1.85 -1.61
C CYS A 6 2.77 -3.09 -0.98
N ALA A 7 1.46 -3.22 -1.08
CA ALA A 7 0.73 -4.31 -0.42
C ALA A 7 0.90 -5.63 -1.17
N ARG A 8 1.71 -5.59 -2.23
CA ARG A 8 1.98 -6.78 -3.03
C ARG A 8 2.87 -7.75 -2.26
N SER A 9 3.41 -7.30 -1.14
CA SER A 9 4.31 -8.11 -0.32
C SER A 9 3.62 -8.48 1.00
N PRO A 10 3.62 -9.79 1.32
CA PRO A 10 2.92 -10.31 2.51
C PRO A 10 3.58 -9.90 3.82
N ASN A 11 4.85 -9.57 3.76
CA ASN A 11 5.60 -9.14 4.93
C ASN A 11 5.62 -7.62 5.03
N ASN A 12 4.88 -6.98 4.14
CA ASN A 12 4.83 -5.53 4.10
C ASN A 12 3.49 -5.05 4.63
N GLU A 13 3.40 -4.95 5.95
CA GLU A 13 2.19 -4.52 6.66
C GLU A 13 1.69 -3.13 6.26
N CYS A 14 2.35 -2.51 5.28
CA CYS A 14 2.01 -1.18 4.80
C CYS A 14 0.56 -1.10 4.33
N SER A 15 -0.06 -2.25 4.12
CA SER A 15 -1.45 -2.33 3.68
C SER A 15 -2.41 -1.60 4.63
N GLU A 16 -1.93 -1.25 5.82
CA GLU A 16 -2.71 -0.47 6.77
C GLU A 16 -2.82 0.99 6.35
N TRP A 17 -1.67 1.63 6.18
CA TRP A 17 -1.61 3.05 5.85
C TRP A 17 -1.70 3.25 4.33
N LEU A 18 -1.56 2.15 3.60
CA LEU A 18 -1.64 2.15 2.13
C LEU A 18 -2.85 2.94 1.64
N LEU A 19 -3.95 2.86 2.36
CA LEU A 19 -5.20 3.48 1.94
C LEU A 19 -5.11 5.00 1.95
N LEU A 20 -4.13 5.54 2.65
CA LEU A 20 -3.97 6.97 2.75
C LEU A 20 -3.30 7.54 1.51
N TRP A 21 -2.29 6.85 1.02
CA TRP A 21 -1.49 7.36 -0.09
C TRP A 21 -1.83 6.64 -1.39
N CYS A 22 -2.37 5.44 -1.30
CA CYS A 22 -2.48 4.59 -2.46
C CYS A 22 -3.85 3.93 -2.56
N TYR A 23 -4.04 3.25 -3.68
CA TYR A 23 -5.25 2.48 -3.94
C TYR A 23 -5.06 1.61 -5.16
N CYS A 24 -4.49 2.19 -6.21
CA CYS A 24 -4.23 1.48 -7.45
C CYS A 24 -3.34 0.26 -7.20
N GLY A 1 -2.26 11.27 -5.41
CA GLY A 1 -1.10 10.45 -4.99
C GLY A 1 -1.01 9.14 -5.75
N CYS A 2 -1.65 8.10 -5.20
CA CYS A 2 -1.62 6.76 -5.78
C CYS A 2 -0.19 6.23 -5.87
N CYS A 3 0.47 6.13 -4.72
CA CYS A 3 1.81 5.56 -4.66
C CYS A 3 1.81 4.09 -5.10
N PRO A 4 2.93 3.60 -5.66
CA PRO A 4 3.03 2.26 -6.25
C PRO A 4 2.68 1.13 -5.27
N PRO A 5 2.19 -0.01 -5.83
CA PRO A 5 1.88 -1.24 -5.11
C PRO A 5 2.79 -1.52 -3.92
N CYS A 6 2.18 -1.87 -2.81
CA CYS A 6 2.91 -2.18 -1.59
C CYS A 6 2.31 -3.41 -0.90
N ALA A 7 1.01 -3.62 -1.12
CA ALA A 7 0.29 -4.74 -0.49
C ALA A 7 0.62 -6.05 -1.18
N ARG A 8 1.46 -5.98 -2.20
CA ARG A 8 1.90 -7.16 -2.94
C ARG A 8 2.85 -8.00 -2.10
N SER A 9 3.41 -7.38 -1.08
CA SER A 9 4.37 -8.04 -0.21
C SER A 9 3.77 -8.29 1.18
N PRO A 10 3.49 -9.57 1.50
CA PRO A 10 2.91 -9.95 2.80
C PRO A 10 3.87 -9.75 3.95
N ASN A 11 5.12 -9.48 3.63
CA ASN A 11 6.13 -9.19 4.64
C ASN A 11 6.19 -7.70 4.93
N ASN A 12 5.24 -6.98 4.35
CA ASN A 12 5.15 -5.53 4.49
C ASN A 12 3.70 -5.12 4.70
N GLU A 13 3.28 -5.21 5.96
CA GLU A 13 1.92 -4.89 6.43
C GLU A 13 1.46 -3.46 6.08
N CYS A 14 2.25 -2.75 5.29
CA CYS A 14 2.01 -1.36 4.92
C CYS A 14 0.56 -1.09 4.49
N SER A 15 -0.12 -2.15 4.05
CA SER A 15 -1.51 -2.07 3.59
C SER A 15 -2.41 -1.27 4.54
N GLU A 16 -2.08 -1.28 5.83
CA GLU A 16 -2.86 -0.55 6.83
C GLU A 16 -2.95 0.94 6.49
N TRP A 17 -1.80 1.58 6.37
CA TRP A 17 -1.74 3.01 6.07
C TRP A 17 -1.68 3.26 4.56
N LEU A 18 -1.37 2.20 3.82
CA LEU A 18 -1.16 2.28 2.38
C LEU A 18 -2.32 2.95 1.66
N LEU A 19 -3.53 2.55 2.02
CA LEU A 19 -4.72 2.89 1.25
C LEU A 19 -5.05 4.38 1.34
N LEU A 20 -4.42 5.08 2.27
CA LEU A 20 -4.65 6.51 2.45
C LEU A 20 -4.16 7.31 1.24
N TRP A 21 -2.98 6.97 0.77
CA TRP A 21 -2.33 7.72 -0.31
C TRP A 21 -2.13 6.85 -1.53
N CYS A 22 -2.02 5.55 -1.32
CA CYS A 22 -1.69 4.63 -2.38
C CYS A 22 -2.90 3.74 -2.68
N TYR A 23 -2.68 2.71 -3.48
CA TYR A 23 -3.73 1.77 -3.89
C TYR A 23 -4.73 2.44 -4.83
N CYS A 24 -5.44 3.44 -4.33
CA CYS A 24 -6.46 4.15 -5.09
C CYS A 24 -7.49 3.20 -5.68
N GLY A 1 0.50 11.60 -4.77
CA GLY A 1 0.09 10.60 -5.77
C GLY A 1 -0.19 9.25 -5.15
N CYS A 2 -0.81 8.36 -5.91
CA CYS A 2 -1.15 7.05 -5.39
C CYS A 2 0.09 6.17 -5.28
N CYS A 3 0.44 5.79 -4.07
CA CYS A 3 1.58 4.94 -3.81
C CYS A 3 1.44 3.60 -4.54
N PRO A 4 2.53 3.09 -5.12
CA PRO A 4 2.52 1.78 -5.79
C PRO A 4 2.15 0.65 -4.84
N PRO A 5 1.63 -0.46 -5.39
CA PRO A 5 1.20 -1.64 -4.62
C PRO A 5 2.18 -2.07 -3.54
N CYS A 6 1.96 -1.55 -2.35
CA CYS A 6 2.86 -1.77 -1.23
C CYS A 6 2.53 -3.08 -0.52
N ALA A 7 1.26 -3.46 -0.54
CA ALA A 7 0.79 -4.62 0.20
C ALA A 7 0.93 -5.90 -0.60
N ARG A 8 1.46 -5.80 -1.81
CA ARG A 8 1.72 -6.97 -2.63
C ARG A 8 2.90 -7.76 -2.08
N SER A 9 3.62 -7.12 -1.18
CA SER A 9 4.67 -7.77 -0.42
C SER A 9 4.06 -8.37 0.84
N PRO A 10 4.00 -9.71 0.93
CA PRO A 10 3.29 -10.41 2.00
C PRO A 10 3.83 -10.11 3.40
N ASN A 11 5.10 -9.80 3.49
CA ASN A 11 5.73 -9.51 4.78
C ASN A 11 5.76 -8.01 5.04
N ASN A 12 5.09 -7.26 4.17
CA ASN A 12 5.06 -5.81 4.28
C ASN A 12 3.69 -5.32 4.70
N GLU A 13 3.47 -5.36 6.00
CA GLU A 13 2.18 -4.99 6.64
C GLU A 13 1.81 -3.52 6.40
N CYS A 14 2.61 -2.83 5.60
CA CYS A 14 2.44 -1.41 5.27
C CYS A 14 1.03 -1.03 4.80
N SER A 15 0.21 -2.04 4.49
CA SER A 15 -1.09 -1.84 3.85
C SER A 15 -1.93 -0.70 4.46
N GLU A 16 -1.67 -0.39 5.73
CA GLU A 16 -2.33 0.73 6.40
C GLU A 16 -2.34 1.99 5.55
N TRP A 17 -1.17 2.41 5.07
CA TRP A 17 -1.05 3.64 4.30
C TRP A 17 -1.50 3.45 2.86
N LEU A 18 -1.61 2.19 2.43
CA LEU A 18 -1.98 1.87 1.06
C LEU A 18 -3.42 2.28 0.77
N LEU A 19 -4.25 2.28 1.82
CA LEU A 19 -5.64 2.68 1.67
C LEU A 19 -5.77 4.19 1.84
N LEU A 20 -4.73 4.82 2.36
CA LEU A 20 -4.76 6.23 2.66
C LEU A 20 -4.28 7.09 1.48
N TRP A 21 -3.12 6.75 0.94
CA TRP A 21 -2.46 7.61 -0.05
C TRP A 21 -2.47 6.98 -1.43
N CYS A 22 -3.04 5.79 -1.54
CA CYS A 22 -2.99 5.07 -2.80
C CYS A 22 -4.38 4.61 -3.19
N TYR A 23 -4.47 4.03 -4.38
CA TYR A 23 -5.77 3.72 -4.99
C TYR A 23 -5.56 3.06 -6.35
N CYS A 24 -4.52 3.47 -7.04
CA CYS A 24 -4.20 2.93 -8.35
C CYS A 24 -3.67 1.50 -8.22
N GLY A 1 -4.37 10.17 -5.62
CA GLY A 1 -3.47 9.38 -6.50
C GLY A 1 -3.11 8.05 -5.89
N CYS A 2 -1.94 7.54 -6.22
CA CYS A 2 -1.48 6.25 -5.73
C CYS A 2 0.02 6.23 -5.58
N CYS A 3 0.48 5.90 -4.39
CA CYS A 3 1.90 5.63 -4.16
C CYS A 3 2.26 4.28 -4.81
N PRO A 4 3.56 3.92 -4.89
CA PRO A 4 3.99 2.63 -5.45
C PRO A 4 3.28 1.44 -4.79
N PRO A 5 3.02 0.37 -5.56
CA PRO A 5 2.31 -0.82 -5.08
C PRO A 5 3.12 -1.60 -4.05
N CYS A 6 2.74 -1.44 -2.79
CA CYS A 6 3.46 -2.05 -1.68
C CYS A 6 2.69 -3.24 -1.10
N ALA A 7 1.38 -3.26 -1.33
CA ALA A 7 0.51 -4.26 -0.69
C ALA A 7 0.65 -5.64 -1.32
N ARG A 8 1.54 -5.76 -2.30
CA ARG A 8 1.80 -7.05 -2.93
C ARG A 8 2.77 -7.88 -2.10
N SER A 9 3.36 -7.24 -1.10
CA SER A 9 4.26 -7.93 -0.19
C SER A 9 3.53 -8.28 1.11
N PRO A 10 3.28 -9.58 1.35
CA PRO A 10 2.48 -10.05 2.50
C PRO A 10 3.15 -9.76 3.84
N ASN A 11 4.47 -9.68 3.81
CA ASN A 11 5.25 -9.38 5.01
C ASN A 11 5.31 -7.87 5.23
N ASN A 12 4.98 -7.13 4.19
CA ASN A 12 5.00 -5.67 4.25
C ASN A 12 3.61 -5.17 4.61
N GLU A 13 3.35 -5.16 5.90
CA GLU A 13 2.07 -4.72 6.48
C GLU A 13 1.73 -3.26 6.13
N CYS A 14 2.55 -2.65 5.28
CA CYS A 14 2.37 -1.28 4.82
C CYS A 14 0.94 -0.98 4.37
N SER A 15 0.20 -2.04 4.03
CA SER A 15 -1.18 -1.91 3.60
C SER A 15 -2.00 -1.02 4.54
N GLU A 16 -1.64 -1.02 5.83
CA GLU A 16 -2.33 -0.20 6.82
C GLU A 16 -2.34 1.28 6.43
N TRP A 17 -1.15 1.83 6.21
CA TRP A 17 -1.03 3.24 5.86
C TRP A 17 -1.10 3.44 4.35
N LEU A 18 -0.95 2.35 3.62
CA LEU A 18 -0.93 2.39 2.17
C LEU A 18 -2.28 2.83 1.63
N LEU A 19 -3.35 2.32 2.23
CA LEU A 19 -4.70 2.57 1.74
C LEU A 19 -5.09 4.04 1.86
N LEU A 20 -4.29 4.80 2.58
CA LEU A 20 -4.54 6.23 2.75
C LEU A 20 -4.15 7.01 1.51
N TRP A 21 -3.04 6.62 0.89
CA TRP A 21 -2.48 7.38 -0.22
C TRP A 21 -2.49 6.56 -1.50
N CYS A 22 -2.84 5.30 -1.40
CA CYS A 22 -2.67 4.40 -2.51
C CYS A 22 -3.79 3.38 -2.58
N TYR A 23 -3.91 2.76 -3.75
CA TYR A 23 -4.94 1.78 -4.02
C TYR A 23 -4.83 1.32 -5.48
N CYS A 24 -5.36 2.15 -6.39
CA CYS A 24 -5.38 1.87 -7.83
C CYS A 24 -5.63 0.40 -8.13
N GLY A 1 -3.66 10.23 -7.28
CA GLY A 1 -2.31 9.70 -6.99
C GLY A 1 -2.37 8.48 -6.09
N CYS A 2 -1.32 7.67 -6.12
CA CYS A 2 -1.24 6.48 -5.29
C CYS A 2 0.19 5.95 -5.28
N CYS A 3 0.66 5.56 -4.11
CA CYS A 3 1.98 4.96 -3.97
C CYS A 3 2.03 3.63 -4.71
N PRO A 4 3.23 3.17 -5.13
CA PRO A 4 3.40 1.87 -5.76
C PRO A 4 2.88 0.74 -4.89
N PRO A 5 2.04 -0.15 -5.46
CA PRO A 5 1.40 -1.27 -4.74
C PRO A 5 2.32 -1.96 -3.74
N CYS A 6 2.21 -1.56 -2.50
CA CYS A 6 3.08 -2.08 -1.45
C CYS A 6 2.46 -3.32 -0.80
N ALA A 7 1.19 -3.56 -1.09
CA ALA A 7 0.48 -4.70 -0.51
C ALA A 7 0.82 -5.99 -1.23
N ARG A 8 1.70 -5.91 -2.23
CA ARG A 8 2.12 -7.08 -2.98
C ARG A 8 3.14 -7.89 -2.18
N SER A 9 3.68 -7.26 -1.16
CA SER A 9 4.67 -7.89 -0.30
C SER A 9 4.01 -8.39 0.99
N PRO A 10 4.08 -9.71 1.25
CA PRO A 10 3.33 -10.37 2.33
C PRO A 10 3.74 -9.93 3.74
N ASN A 11 4.98 -9.49 3.87
CA ASN A 11 5.51 -9.08 5.18
C ASN A 11 5.53 -7.56 5.28
N ASN A 12 4.95 -6.91 4.28
CA ASN A 12 4.89 -5.47 4.23
C ASN A 12 3.51 -4.97 4.61
N GLU A 13 3.30 -4.84 5.92
CA GLU A 13 2.03 -4.38 6.50
C GLU A 13 1.62 -2.99 6.01
N CYS A 14 2.39 -2.42 5.09
CA CYS A 14 2.11 -1.15 4.44
C CYS A 14 0.67 -1.07 3.93
N SER A 15 0.06 -2.23 3.70
CA SER A 15 -1.30 -2.32 3.20
C SER A 15 -2.31 -1.63 4.12
N GLU A 16 -1.91 -1.33 5.36
CA GLU A 16 -2.79 -0.67 6.31
C GLU A 16 -2.77 0.86 6.15
N TRP A 17 -1.58 1.43 5.95
CA TRP A 17 -1.48 2.87 5.72
C TRP A 17 -1.59 3.18 4.23
N LEU A 18 -1.49 2.13 3.42
CA LEU A 18 -1.73 2.21 1.97
C LEU A 18 -3.01 3.00 1.67
N LEU A 19 -3.97 2.89 2.57
CA LEU A 19 -5.27 3.55 2.44
C LEU A 19 -5.13 5.07 2.32
N LEU A 20 -4.10 5.62 2.93
CA LEU A 20 -3.94 7.06 3.03
C LEU A 20 -3.48 7.68 1.71
N TRP A 21 -2.46 7.10 1.11
CA TRP A 21 -1.80 7.73 -0.03
C TRP A 21 -2.02 6.93 -1.30
N CYS A 22 -2.72 5.81 -1.19
CA CYS A 22 -2.77 4.88 -2.30
C CYS A 22 -4.12 4.18 -2.38
N TYR A 23 -4.35 3.58 -3.53
CA TYR A 23 -5.59 2.86 -3.82
C TYR A 23 -5.52 2.32 -5.23
N CYS A 24 -5.86 3.16 -6.22
CA CYS A 24 -5.78 2.82 -7.65
C CYS A 24 -6.18 1.36 -7.91
N GLY A 1 -0.13 10.80 -4.70
CA GLY A 1 -1.36 10.07 -5.08
C GLY A 1 -1.04 8.76 -5.77
N CYS A 2 -1.70 7.70 -5.32
CA CYS A 2 -1.48 6.37 -5.87
C CYS A 2 -0.02 5.93 -5.67
N CYS A 3 0.34 5.62 -4.43
CA CYS A 3 1.67 5.09 -4.11
C CYS A 3 1.91 3.80 -4.89
N PRO A 4 3.19 3.40 -5.05
CA PRO A 4 3.52 2.10 -5.64
C PRO A 4 2.99 0.98 -4.77
N PRO A 5 2.23 0.04 -5.38
CA PRO A 5 1.57 -1.08 -4.68
C PRO A 5 2.39 -1.64 -3.53
N CYS A 6 2.07 -1.20 -2.33
CA CYS A 6 2.84 -1.50 -1.14
C CYS A 6 2.37 -2.81 -0.52
N ALA A 7 1.09 -3.14 -0.70
CA ALA A 7 0.48 -4.26 0.00
C ALA A 7 0.64 -5.57 -0.75
N ARG A 8 1.19 -5.51 -1.97
CA ARG A 8 1.39 -6.73 -2.76
C ARG A 8 2.55 -7.55 -2.21
N SER A 9 3.22 -7.01 -1.21
CA SER A 9 4.28 -7.71 -0.53
C SER A 9 3.75 -8.22 0.82
N PRO A 10 3.56 -9.55 0.97
CA PRO A 10 2.99 -10.13 2.18
C PRO A 10 3.86 -9.91 3.42
N ASN A 11 5.14 -9.67 3.20
CA ASN A 11 6.07 -9.43 4.30
C ASN A 11 6.16 -7.92 4.59
N ASN A 12 5.13 -7.20 4.18
CA ASN A 12 5.10 -5.75 4.30
C ASN A 12 3.73 -5.29 4.77
N GLU A 13 3.55 -5.35 6.08
CA GLU A 13 2.29 -4.98 6.76
C GLU A 13 1.85 -3.53 6.52
N CYS A 14 2.58 -2.80 5.69
CA CYS A 14 2.32 -1.38 5.39
C CYS A 14 0.87 -1.12 4.94
N SER A 15 0.15 -2.19 4.58
CA SER A 15 -1.17 -2.10 3.94
C SER A 15 -2.15 -1.13 4.63
N GLU A 16 -1.88 -0.75 5.87
CA GLU A 16 -2.72 0.21 6.57
C GLU A 16 -2.73 1.57 5.86
N TRP A 17 -1.55 2.06 5.48
CA TRP A 17 -1.46 3.37 4.83
C TRP A 17 -1.86 3.29 3.36
N LEU A 18 -1.96 2.06 2.85
CA LEU A 18 -2.32 1.82 1.46
C LEU A 18 -3.64 2.51 1.11
N LEU A 19 -4.57 2.55 2.07
CA LEU A 19 -5.87 3.16 1.84
C LEU A 19 -5.75 4.68 1.73
N LEU A 20 -4.68 5.23 2.30
CA LEU A 20 -4.50 6.67 2.38
C LEU A 20 -3.73 7.20 1.17
N TRP A 21 -2.60 6.57 0.86
CA TRP A 21 -1.70 7.10 -0.17
C TRP A 21 -1.85 6.37 -1.49
N CYS A 22 -2.63 5.30 -1.49
CA CYS A 22 -2.66 4.41 -2.63
C CYS A 22 -4.09 3.98 -2.93
N TYR A 23 -4.25 3.21 -3.99
CA TYR A 23 -5.56 2.77 -4.44
C TYR A 23 -5.44 1.91 -5.69
N CYS A 24 -4.38 2.14 -6.45
CA CYS A 24 -4.13 1.40 -7.68
C CYS A 24 -3.61 -0.01 -7.37
N GLY A 1 -1.97 11.00 -6.31
CA GLY A 1 -1.62 9.85 -7.17
C GLY A 1 -1.94 8.53 -6.50
N CYS A 2 -1.19 7.49 -6.85
CA CYS A 2 -1.39 6.19 -6.25
C CYS A 2 -0.05 5.51 -5.98
N CYS A 3 0.21 5.30 -4.69
CA CYS A 3 1.34 4.49 -4.20
C CYS A 3 1.68 3.32 -5.11
N PRO A 4 2.99 3.01 -5.23
CA PRO A 4 3.46 1.80 -5.92
C PRO A 4 2.97 0.54 -5.21
N PRO A 5 2.95 -0.61 -5.91
CA PRO A 5 2.46 -1.88 -5.35
C PRO A 5 3.21 -2.29 -4.10
N CYS A 6 2.66 -1.91 -2.98
CA CYS A 6 3.27 -2.16 -1.68
C CYS A 6 2.60 -3.35 -1.00
N ALA A 7 1.33 -3.57 -1.30
CA ALA A 7 0.53 -4.60 -0.64
C ALA A 7 0.84 -5.99 -1.19
N ARG A 8 1.73 -6.07 -2.17
CA ARG A 8 2.07 -7.35 -2.76
C ARG A 8 3.22 -8.02 -2.01
N SER A 9 3.71 -7.34 -0.99
CA SER A 9 4.74 -7.90 -0.13
C SER A 9 4.13 -8.32 1.21
N PRO A 10 4.25 -9.61 1.56
CA PRO A 10 3.66 -10.17 2.78
C PRO A 10 4.25 -9.60 4.05
N ASN A 11 5.52 -9.21 3.98
CA ASN A 11 6.20 -8.60 5.12
C ASN A 11 5.83 -7.13 5.23
N ASN A 12 5.41 -6.56 4.11
CA ASN A 12 5.06 -5.16 4.05
C ASN A 12 3.59 -4.96 4.43
N GLU A 13 3.36 -4.91 5.73
CA GLU A 13 2.02 -4.76 6.33
C GLU A 13 1.34 -3.44 5.92
N CYS A 14 1.99 -2.68 5.04
CA CYS A 14 1.56 -1.34 4.66
C CYS A 14 0.11 -1.28 4.20
N SER A 15 -0.41 -2.40 3.71
CA SER A 15 -1.74 -2.45 3.11
C SER A 15 -2.85 -1.89 4.03
N GLU A 16 -2.57 -1.81 5.32
CA GLU A 16 -3.53 -1.26 6.29
C GLU A 16 -3.63 0.26 6.18
N TRP A 17 -2.49 0.91 6.34
CA TRP A 17 -2.41 2.37 6.37
C TRP A 17 -2.18 2.97 4.98
N LEU A 18 -1.81 2.10 4.04
CA LEU A 18 -1.42 2.50 2.68
C LEU A 18 -2.47 3.38 2.00
N LEU A 19 -3.71 3.30 2.46
CA LEU A 19 -4.81 4.05 1.86
C LEU A 19 -4.63 5.56 2.06
N LEU A 20 -3.72 5.93 2.94
CA LEU A 20 -3.35 7.33 3.12
C LEU A 20 -2.60 7.83 1.89
N TRP A 21 -1.83 6.93 1.30
CA TRP A 21 -0.99 7.26 0.16
C TRP A 21 -1.68 6.94 -1.15
N CYS A 22 -2.55 5.94 -1.14
CA CYS A 22 -3.16 5.50 -2.36
C CYS A 22 -4.52 4.88 -2.11
N TYR A 23 -5.36 4.95 -3.13
CA TYR A 23 -6.70 4.42 -3.10
C TYR A 23 -7.33 4.65 -4.47
N CYS A 24 -6.87 5.71 -5.13
CA CYS A 24 -7.21 6.02 -6.51
C CYS A 24 -8.68 6.37 -6.66
N GLY A 1 -1.00 10.40 -7.64
CA GLY A 1 -1.98 9.28 -7.51
C GLY A 1 -1.62 8.33 -6.39
N CYS A 2 -1.94 7.06 -6.57
CA CYS A 2 -1.66 6.06 -5.55
C CYS A 2 -0.17 5.74 -5.53
N CYS A 3 0.35 5.51 -4.33
CA CYS A 3 1.74 5.09 -4.16
C CYS A 3 1.98 3.78 -4.90
N PRO A 4 3.23 3.54 -5.34
CA PRO A 4 3.62 2.29 -6.00
C PRO A 4 3.18 1.07 -5.20
N PRO A 5 2.55 0.08 -5.89
CA PRO A 5 2.03 -1.16 -5.29
C PRO A 5 2.89 -1.68 -4.15
N CYS A 6 2.39 -1.48 -2.95
CA CYS A 6 3.13 -1.83 -1.74
C CYS A 6 2.59 -3.12 -1.13
N ALA A 7 1.32 -3.41 -1.41
CA ALA A 7 0.63 -4.53 -0.78
C ALA A 7 1.01 -5.87 -1.44
N ARG A 8 1.88 -5.82 -2.43
CA ARG A 8 2.31 -7.02 -3.14
C ARG A 8 3.18 -7.89 -2.26
N SER A 9 3.68 -7.31 -1.18
CA SER A 9 4.51 -8.02 -0.25
C SER A 9 3.76 -8.25 1.07
N PRO A 10 3.30 -9.49 1.32
CA PRO A 10 2.52 -9.83 2.52
C PRO A 10 3.29 -9.57 3.81
N ASN A 11 4.61 -9.59 3.73
CA ASN A 11 5.46 -9.33 4.88
C ASN A 11 5.51 -7.83 5.18
N ASN A 12 5.09 -7.04 4.21
CA ASN A 12 5.10 -5.59 4.33
C ASN A 12 3.69 -5.08 4.62
N GLU A 13 3.37 -5.11 5.91
CA GLU A 13 2.04 -4.74 6.44
C GLU A 13 1.59 -3.32 6.05
N CYS A 14 2.36 -2.64 5.20
CA CYS A 14 2.08 -1.27 4.77
C CYS A 14 0.64 -1.07 4.28
N SER A 15 -0.03 -2.18 3.98
CA SER A 15 -1.43 -2.16 3.54
C SER A 15 -2.32 -1.41 4.52
N GLU A 16 -1.90 -1.34 5.79
CA GLU A 16 -2.71 -0.68 6.83
C GLU A 16 -2.84 0.83 6.58
N TRP A 17 -1.72 1.50 6.38
CA TRP A 17 -1.73 2.95 6.15
C TRP A 17 -1.86 3.27 4.67
N LEU A 18 -1.68 2.27 3.84
CA LEU A 18 -1.70 2.41 2.39
C LEU A 18 -3.01 3.04 1.90
N LEU A 19 -4.03 3.02 2.75
CA LEU A 19 -5.33 3.59 2.42
C LEU A 19 -5.23 5.11 2.22
N LEU A 20 -4.26 5.73 2.89
CA LEU A 20 -4.13 7.17 2.89
C LEU A 20 -3.61 7.70 1.55
N TRP A 21 -2.55 7.09 1.04
CA TRP A 21 -1.86 7.63 -0.13
C TRP A 21 -2.08 6.76 -1.36
N CYS A 22 -2.81 5.68 -1.21
CA CYS A 22 -2.89 4.69 -2.25
C CYS A 22 -4.25 4.03 -2.26
N TYR A 23 -4.50 3.28 -3.31
CA TYR A 23 -5.75 2.59 -3.49
C TYR A 23 -5.60 1.54 -4.60
N CYS A 24 -4.37 1.40 -5.06
CA CYS A 24 -4.05 0.47 -6.12
C CYS A 24 -3.43 -0.80 -5.53
N GLY A 1 -2.22 10.78 -4.89
CA GLY A 1 -1.43 9.95 -5.83
C GLY A 1 -1.69 8.47 -5.64
N CYS A 2 -1.15 7.66 -6.53
CA CYS A 2 -1.31 6.21 -6.45
C CYS A 2 -0.01 5.56 -5.98
N CYS A 3 0.08 5.33 -4.66
CA CYS A 3 1.16 4.57 -4.05
C CYS A 3 1.66 3.42 -4.94
N PRO A 4 2.99 3.28 -5.03
CA PRO A 4 3.62 2.14 -5.69
C PRO A 4 3.18 0.82 -5.07
N PRO A 5 3.00 -0.23 -5.91
CA PRO A 5 2.59 -1.57 -5.47
C PRO A 5 3.29 -2.02 -4.19
N CYS A 6 2.58 -1.90 -3.10
CA CYS A 6 3.12 -2.21 -1.78
C CYS A 6 2.39 -3.40 -1.17
N ALA A 7 1.13 -3.59 -1.56
CA ALA A 7 0.28 -4.61 -0.96
C ALA A 7 0.66 -6.01 -1.45
N ARG A 8 1.55 -6.08 -2.43
CA ARG A 8 2.04 -7.36 -2.93
C ARG A 8 3.18 -7.87 -2.06
N SER A 9 3.51 -7.12 -1.02
CA SER A 9 4.55 -7.50 -0.08
C SER A 9 3.92 -8.06 1.20
N PRO A 10 4.07 -9.39 1.42
CA PRO A 10 3.39 -10.09 2.52
C PRO A 10 3.85 -9.67 3.91
N ASN A 11 5.12 -9.37 4.05
CA ASN A 11 5.68 -9.00 5.36
C ASN A 11 5.60 -7.50 5.57
N ASN A 12 5.45 -6.78 4.46
CA ASN A 12 5.31 -5.33 4.52
C ASN A 12 3.84 -4.97 4.69
N GLU A 13 3.43 -4.98 5.94
CA GLU A 13 2.05 -4.73 6.37
C GLU A 13 1.52 -3.35 5.95
N CYS A 14 2.28 -2.64 5.12
CA CYS A 14 1.92 -1.30 4.66
C CYS A 14 0.49 -1.21 4.16
N SER A 15 -0.08 -2.34 3.76
CA SER A 15 -1.44 -2.43 3.25
C SER A 15 -2.46 -1.77 4.20
N GLU A 16 -2.11 -1.66 5.48
CA GLU A 16 -3.00 -1.04 6.47
C GLU A 16 -3.12 0.47 6.25
N TRP A 17 -1.98 1.14 6.26
CA TRP A 17 -1.94 2.60 6.16
C TRP A 17 -1.89 3.07 4.72
N LEU A 18 -1.61 2.12 3.82
CA LEU A 18 -1.43 2.40 2.40
C LEU A 18 -2.62 3.16 1.79
N LEU A 19 -3.80 2.99 2.37
CA LEU A 19 -5.02 3.64 1.86
C LEU A 19 -4.91 5.16 1.94
N LEU A 20 -3.99 5.64 2.78
CA LEU A 20 -3.74 7.07 2.89
C LEU A 20 -2.97 7.57 1.68
N TRP A 21 -2.17 6.69 1.11
CA TRP A 21 -1.28 7.07 0.02
C TRP A 21 -1.79 6.62 -1.33
N CYS A 22 -2.89 5.90 -1.33
CA CYS A 22 -3.46 5.44 -2.59
C CYS A 22 -4.85 4.85 -2.38
N TYR A 23 -5.64 4.93 -3.42
CA TYR A 23 -7.04 4.53 -3.38
C TYR A 23 -7.55 4.41 -4.81
N CYS A 24 -6.95 5.22 -5.68
CA CYS A 24 -7.18 5.17 -7.11
C CYS A 24 -7.02 3.74 -7.65
N GLY A 1 -3.39 9.57 -6.38
CA GLY A 1 -2.36 8.76 -7.06
C GLY A 1 -2.21 7.39 -6.42
N CYS A 2 -1.46 6.52 -7.07
CA CYS A 2 -1.25 5.17 -6.58
C CYS A 2 0.12 5.04 -5.91
N CYS A 3 0.10 4.92 -4.58
CA CYS A 3 1.26 4.55 -3.79
C CYS A 3 2.17 3.54 -4.53
N PRO A 4 3.50 3.74 -4.44
CA PRO A 4 4.48 2.81 -5.01
C PRO A 4 4.27 1.39 -4.52
N PRO A 5 4.23 0.42 -5.46
CA PRO A 5 3.98 -1.01 -5.19
C PRO A 5 4.54 -1.50 -3.87
N CYS A 6 3.65 -1.76 -2.93
CA CYS A 6 4.04 -2.23 -1.61
C CYS A 6 2.99 -3.17 -1.04
N ALA A 7 1.72 -2.92 -1.37
CA ALA A 7 0.60 -3.64 -0.79
C ALA A 7 0.57 -5.10 -1.21
N ARG A 8 1.23 -5.43 -2.32
CA ARG A 8 1.26 -6.81 -2.80
C ARG A 8 2.28 -7.65 -2.04
N SER A 9 3.03 -7.01 -1.16
CA SER A 9 4.04 -7.69 -0.36
C SER A 9 3.44 -8.15 0.98
N PRO A 10 3.21 -9.47 1.14
CA PRO A 10 2.61 -10.02 2.36
C PRO A 10 3.49 -9.82 3.60
N ASN A 11 4.75 -9.49 3.36
CA ASN A 11 5.70 -9.24 4.44
C ASN A 11 5.86 -7.75 4.69
N ASN A 12 4.86 -6.99 4.25
CA ASN A 12 4.91 -5.54 4.36
C ASN A 12 3.52 -5.00 4.69
N GLU A 13 3.22 -4.98 5.98
CA GLU A 13 1.96 -4.43 6.52
C GLU A 13 1.65 -2.99 6.05
N CYS A 14 2.47 -2.43 5.15
CA CYS A 14 2.27 -1.08 4.65
C CYS A 14 0.85 -0.91 4.12
N SER A 15 0.28 -1.98 3.62
CA SER A 15 -1.09 -2.02 3.12
C SER A 15 -2.09 -1.41 4.11
N GLU A 16 -1.75 -1.45 5.40
CA GLU A 16 -2.63 -0.93 6.44
C GLU A 16 -2.75 0.60 6.36
N TRP A 17 -1.61 1.27 6.26
CA TRP A 17 -1.60 2.73 6.18
C TRP A 17 -1.68 3.21 4.73
N LEU A 18 -1.43 2.31 3.80
CA LEU A 18 -1.48 2.62 2.37
C LEU A 18 -2.86 3.07 1.93
N LEU A 19 -3.88 2.84 2.76
CA LEU A 19 -5.24 3.30 2.47
C LEU A 19 -5.24 4.81 2.19
N LEU A 20 -4.39 5.52 2.90
CA LEU A 20 -4.29 6.97 2.78
C LEU A 20 -3.51 7.35 1.53
N TRP A 21 -2.64 6.45 1.10
CA TRP A 21 -1.71 6.74 0.01
C TRP A 21 -2.25 6.24 -1.32
N CYS A 22 -3.16 5.30 -1.28
CA CYS A 22 -3.62 4.65 -2.48
C CYS A 22 -4.84 3.78 -2.21
N TYR A 23 -5.61 3.55 -3.25
CA TYR A 23 -6.84 2.80 -3.16
C TYR A 23 -7.25 2.34 -4.55
N CYS A 24 -6.67 3.00 -5.55
CA CYS A 24 -6.82 2.63 -6.95
C CYS A 24 -6.51 1.16 -7.19
N GLY A 1 -1.06 11.76 -6.57
CA GLY A 1 -0.10 10.63 -6.70
C GLY A 1 -0.41 9.52 -5.73
N CYS A 2 -0.70 8.34 -6.24
CA CYS A 2 -1.03 7.20 -5.42
C CYS A 2 0.20 6.35 -5.16
N CYS A 3 0.35 5.93 -3.90
CA CYS A 3 1.40 5.01 -3.49
C CYS A 3 1.53 3.85 -4.48
N PRO A 4 2.79 3.46 -4.80
CA PRO A 4 3.06 2.30 -5.65
C PRO A 4 2.63 1.01 -4.97
N PRO A 5 2.01 0.07 -5.73
CA PRO A 5 1.51 -1.20 -5.23
C PRO A 5 2.38 -1.82 -4.14
N CYS A 6 1.96 -1.64 -2.90
CA CYS A 6 2.75 -2.03 -1.75
C CYS A 6 2.13 -3.24 -1.04
N ALA A 7 0.82 -3.41 -1.23
CA ALA A 7 0.08 -4.44 -0.51
C ALA A 7 0.41 -5.84 -1.00
N ARG A 8 1.11 -5.94 -2.12
CA ARG A 8 1.46 -7.24 -2.68
C ARG A 8 2.65 -7.84 -1.97
N SER A 9 3.19 -7.12 -1.00
CA SER A 9 4.29 -7.61 -0.19
C SER A 9 3.76 -8.18 1.14
N PRO A 10 3.82 -9.52 1.29
CA PRO A 10 3.20 -10.24 2.43
C PRO A 10 3.66 -9.77 3.80
N ASN A 11 4.93 -9.41 3.91
CA ASN A 11 5.49 -9.00 5.19
C ASN A 11 5.58 -7.49 5.30
N ASN A 12 4.96 -6.81 4.34
CA ASN A 12 4.96 -5.37 4.31
C ASN A 12 3.59 -4.83 4.71
N GLU A 13 3.39 -4.70 6.01
CA GLU A 13 2.13 -4.21 6.60
C GLU A 13 1.72 -2.81 6.07
N CYS A 14 2.49 -2.28 5.13
CA CYS A 14 2.17 -1.01 4.48
C CYS A 14 0.76 -1.05 3.88
N SER A 15 0.28 -2.26 3.67
CA SER A 15 -1.08 -2.50 3.18
C SER A 15 -2.13 -1.78 4.04
N GLU A 16 -1.79 -1.52 5.29
CA GLU A 16 -2.71 -0.86 6.20
C GLU A 16 -2.60 0.67 6.11
N TRP A 17 -1.40 1.19 6.31
CA TRP A 17 -1.22 2.63 6.43
C TRP A 17 -0.96 3.30 5.07
N LEU A 18 -0.22 2.65 4.20
CA LEU A 18 0.22 3.27 2.96
C LEU A 18 -0.88 3.24 1.93
N LEU A 19 -1.75 2.24 2.01
CA LEU A 19 -2.84 2.06 1.06
C LEU A 19 -3.89 3.16 1.21
N LEU A 20 -3.81 3.91 2.29
CA LEU A 20 -4.67 5.07 2.47
C LEU A 20 -4.29 6.14 1.47
N TRP A 21 -3.04 6.09 1.02
CA TRP A 21 -2.49 7.08 0.11
C TRP A 21 -2.47 6.57 -1.33
N CYS A 22 -3.31 5.58 -1.62
CA CYS A 22 -3.34 4.98 -2.95
C CYS A 22 -4.55 4.07 -3.09
N TYR A 23 -4.65 3.43 -4.25
CA TYR A 23 -5.78 2.57 -4.57
C TYR A 23 -5.61 2.04 -5.99
N CYS A 24 -4.81 2.77 -6.76
CA CYS A 24 -4.42 2.36 -8.10
C CYS A 24 -3.83 0.95 -8.14
N GLY A 1 -0.48 10.97 -5.98
CA GLY A 1 -0.96 9.89 -6.86
C GLY A 1 -1.12 8.59 -6.11
N CYS A 2 -1.28 7.49 -6.84
CA CYS A 2 -1.39 6.18 -6.24
C CYS A 2 0.00 5.65 -5.86
N CYS A 3 0.19 5.46 -4.56
CA CYS A 3 1.37 4.78 -4.01
C CYS A 3 1.83 3.61 -4.87
N PRO A 4 3.14 3.43 -4.99
CA PRO A 4 3.74 2.26 -5.66
C PRO A 4 3.29 0.97 -4.99
N PRO A 5 2.99 -0.07 -5.80
CA PRO A 5 2.50 -1.37 -5.33
C PRO A 5 3.24 -1.89 -4.11
N CYS A 6 2.63 -1.69 -2.95
CA CYS A 6 3.21 -2.06 -1.68
C CYS A 6 2.43 -3.20 -1.04
N ALA A 7 1.13 -3.29 -1.36
CA ALA A 7 0.24 -4.25 -0.72
C ALA A 7 0.47 -5.67 -1.24
N ARG A 8 1.34 -5.79 -2.24
CA ARG A 8 1.67 -7.09 -2.80
C ARG A 8 2.79 -7.76 -2.02
N SER A 9 3.30 -7.09 -1.01
CA SER A 9 4.36 -7.63 -0.20
C SER A 9 3.80 -8.16 1.12
N PRO A 10 3.80 -9.50 1.29
CA PRO A 10 3.24 -10.16 2.48
C PRO A 10 4.08 -9.90 3.73
N ASN A 11 5.27 -9.37 3.55
CA ASN A 11 6.14 -9.05 4.68
C ASN A 11 6.21 -7.54 4.87
N ASN A 12 5.17 -6.86 4.42
CA ASN A 12 5.11 -5.41 4.48
C ASN A 12 3.69 -4.94 4.77
N GLU A 13 3.35 -4.94 6.06
CA GLU A 13 2.00 -4.60 6.57
C GLU A 13 1.47 -3.24 6.10
N CYS A 14 2.21 -2.54 5.25
CA CYS A 14 1.83 -1.22 4.75
C CYS A 14 0.40 -1.20 4.24
N SER A 15 -0.09 -2.37 3.81
CA SER A 15 -1.39 -2.48 3.16
C SER A 15 -2.54 -1.90 4.00
N GLU A 16 -2.28 -1.65 5.28
CA GLU A 16 -3.30 -1.06 6.15
C GLU A 16 -3.30 0.47 6.07
N TRP A 17 -2.15 1.08 6.34
CA TRP A 17 -2.06 2.54 6.36
C TRP A 17 -1.88 3.09 4.94
N LEU A 18 -1.53 2.19 4.02
CA LEU A 18 -1.26 2.54 2.62
C LEU A 18 -2.43 3.28 1.99
N LEU A 19 -3.63 3.05 2.53
CA LEU A 19 -4.86 3.65 2.00
C LEU A 19 -4.80 5.18 2.00
N LEU A 20 -3.92 5.73 2.81
CA LEU A 20 -3.72 7.17 2.88
C LEU A 20 -3.15 7.69 1.56
N TRP A 21 -2.30 6.89 0.95
CA TRP A 21 -1.51 7.35 -0.18
C TRP A 21 -1.92 6.68 -1.48
N CYS A 22 -2.98 5.88 -1.46
CA CYS A 22 -3.40 5.15 -2.63
C CYS A 22 -4.63 4.33 -2.32
N TYR A 23 -5.40 4.07 -3.34
CA TYR A 23 -6.64 3.37 -3.22
C TYR A 23 -6.77 2.32 -4.33
N CYS A 24 -5.65 2.11 -5.03
CA CYS A 24 -5.60 1.14 -6.11
C CYS A 24 -5.79 -0.27 -5.56
N GLY A 1 -0.02 10.81 -6.65
CA GLY A 1 -1.11 9.84 -6.88
C GLY A 1 -1.00 8.64 -5.97
N CYS A 2 -1.41 7.49 -6.47
CA CYS A 2 -1.32 6.25 -5.73
C CYS A 2 0.12 5.80 -5.64
N CYS A 3 0.62 5.63 -4.42
CA CYS A 3 1.96 5.11 -4.21
C CYS A 3 2.11 3.74 -4.88
N PRO A 4 3.31 3.42 -5.39
CA PRO A 4 3.58 2.14 -6.06
C PRO A 4 3.10 0.95 -5.24
N PRO A 5 2.37 0.02 -5.90
CA PRO A 5 1.77 -1.16 -5.28
C PRO A 5 2.59 -1.74 -4.13
N CYS A 6 2.12 -1.50 -2.92
CA CYS A 6 2.85 -1.88 -1.72
C CYS A 6 2.26 -3.13 -1.08
N ALA A 7 1.00 -3.44 -1.42
CA ALA A 7 0.28 -4.54 -0.78
C ALA A 7 0.66 -5.90 -1.37
N ARG A 8 1.56 -5.90 -2.33
CA ARG A 8 1.93 -7.15 -3.00
C ARG A 8 2.87 -7.99 -2.13
N SER A 9 3.46 -7.35 -1.14
CA SER A 9 4.40 -8.02 -0.26
C SER A 9 3.73 -8.38 1.06
N PRO A 10 3.77 -9.67 1.44
CA PRO A 10 3.20 -10.16 2.70
C PRO A 10 4.08 -9.80 3.88
N ASN A 11 5.24 -9.22 3.57
CA ASN A 11 6.17 -8.78 4.61
C ASN A 11 6.02 -7.27 4.79
N ASN A 12 5.16 -6.69 3.98
CA ASN A 12 4.96 -5.24 3.97
C ASN A 12 3.57 -4.90 4.52
N GLU A 13 3.49 -4.83 5.83
CA GLU A 13 2.24 -4.53 6.56
C GLU A 13 1.61 -3.18 6.17
N CYS A 14 2.21 -2.50 5.20
CA CYS A 14 1.78 -1.17 4.77
C CYS A 14 0.30 -1.16 4.34
N SER A 15 -0.27 -2.34 4.12
CA SER A 15 -1.65 -2.47 3.68
C SER A 15 -2.62 -1.70 4.60
N GLU A 16 -2.20 -1.48 5.85
CA GLU A 16 -3.02 -0.75 6.81
C GLU A 16 -3.15 0.73 6.42
N TRP A 17 -2.01 1.39 6.29
CA TRP A 17 -1.99 2.83 6.03
C TRP A 17 -1.99 3.14 4.53
N LEU A 18 -1.78 2.10 3.73
CA LEU A 18 -1.72 2.23 2.27
C LEU A 18 -2.88 3.04 1.71
N LEU A 19 -4.06 2.89 2.29
CA LEU A 19 -5.27 3.53 1.78
C LEU A 19 -5.21 5.06 1.92
N LEU A 20 -4.27 5.55 2.72
CA LEU A 20 -4.11 6.98 2.92
C LEU A 20 -3.50 7.64 1.69
N TRP A 21 -2.46 7.03 1.15
CA TRP A 21 -1.69 7.63 0.05
C TRP A 21 -1.93 6.87 -1.25
N CYS A 22 -2.56 5.73 -1.14
CA CYS A 22 -2.65 4.81 -2.27
C CYS A 22 -3.96 4.04 -2.21
N TYR A 23 -4.07 3.03 -3.06
CA TYR A 23 -5.29 2.24 -3.20
C TYR A 23 -5.09 1.18 -4.27
N CYS A 24 -4.14 1.44 -5.16
CA CYS A 24 -3.80 0.51 -6.22
C CYS A 24 -3.01 -0.67 -5.67
N GLY A 1 -1.35 10.28 -6.21
CA GLY A 1 -2.35 9.18 -6.30
C GLY A 1 -1.71 7.86 -6.68
N CYS A 2 -2.16 6.78 -6.07
CA CYS A 2 -1.65 5.44 -6.32
C CYS A 2 -0.15 5.37 -6.07
N CYS A 3 0.22 5.42 -4.79
CA CYS A 3 1.58 5.14 -4.34
C CYS A 3 2.15 3.88 -5.01
N PRO A 4 3.49 3.75 -5.04
CA PRO A 4 4.18 2.56 -5.56
C PRO A 4 3.64 1.26 -4.93
N PRO A 5 3.73 0.13 -5.66
CA PRO A 5 3.18 -1.15 -5.22
C PRO A 5 3.84 -1.68 -3.95
N CYS A 6 3.18 -1.43 -2.84
CA CYS A 6 3.66 -1.84 -1.53
C CYS A 6 2.75 -2.90 -0.93
N ALA A 7 1.46 -2.79 -1.27
CA ALA A 7 0.43 -3.66 -0.68
C ALA A 7 0.48 -5.06 -1.28
N ARG A 8 1.33 -5.25 -2.28
CA ARG A 8 1.48 -6.56 -2.92
C ARG A 8 2.52 -7.40 -2.20
N SER A 9 3.02 -6.89 -1.08
CA SER A 9 4.02 -7.60 -0.31
C SER A 9 3.41 -8.11 1.00
N PRO A 10 3.25 -9.44 1.13
CA PRO A 10 2.64 -10.04 2.32
C PRO A 10 3.51 -9.93 3.56
N ASN A 11 4.78 -9.58 3.37
CA ASN A 11 5.68 -9.40 4.50
C ASN A 11 5.76 -7.93 4.91
N ASN A 12 5.03 -7.11 4.19
CA ASN A 12 5.01 -5.68 4.45
C ASN A 12 3.59 -5.16 4.56
N GLU A 13 3.05 -5.30 5.77
CA GLU A 13 1.68 -4.91 6.14
C GLU A 13 1.35 -3.42 5.83
N CYS A 14 2.25 -2.72 5.14
CA CYS A 14 2.16 -1.28 4.90
C CYS A 14 0.77 -0.82 4.46
N SER A 15 0.01 -1.72 3.84
CA SER A 15 -1.33 -1.41 3.34
C SER A 15 -2.24 -0.86 4.46
N GLU A 16 -1.88 -1.15 5.71
CA GLU A 16 -2.67 -0.68 6.86
C GLU A 16 -2.72 0.84 6.91
N TRP A 17 -1.57 1.49 6.85
CA TRP A 17 -1.50 2.95 6.86
C TRP A 17 -1.52 3.53 5.45
N LEU A 18 -0.95 2.79 4.51
CA LEU A 18 -0.69 3.30 3.18
C LEU A 18 -1.98 3.43 2.36
N LEU A 19 -3.06 2.80 2.83
CA LEU A 19 -4.35 2.88 2.14
C LEU A 19 -4.83 4.32 1.95
N LEU A 20 -4.27 5.24 2.74
CA LEU A 20 -4.60 6.66 2.62
C LEU A 20 -4.13 7.23 1.30
N TRP A 21 -3.01 6.68 0.81
CA TRP A 21 -2.34 7.22 -0.36
C TRP A 21 -2.63 6.39 -1.60
N CYS A 22 -3.15 5.19 -1.43
CA CYS A 22 -3.18 4.25 -2.52
C CYS A 22 -3.92 2.98 -2.15
N TYR A 23 -4.38 2.30 -3.17
CA TYR A 23 -5.07 1.04 -3.04
C TYR A 23 -4.59 0.12 -4.15
N CYS A 24 -3.44 0.49 -4.71
CA CYS A 24 -2.81 -0.26 -5.77
C CYS A 24 -1.91 -1.36 -5.18
#